data_8EDI
#
_entry.id   8EDI
#
_cell.length_a   69.460
_cell.length_b   69.460
_cell.length_c   424.990
_cell.angle_alpha   90.000
_cell.angle_beta   90.000
_cell.angle_gamma   120.000
#
_symmetry.space_group_name_H-M   'P 61 2 2'
#
loop_
_entity.id
_entity.type
_entity.pdbx_description
1 polymer 'Netrin receptor unc-5'
2 branched 2-acetamido-2-deoxy-beta-D-glucopyranose-(1-4)-[alpha-L-fucopyranose-(1-6)]2-acetamido-2-deoxy-beta-D-glucopyranose
3 branched '4-deoxy-2-O-sulfo-alpha-L-threo-hex-4-enopyranuronic acid-(1-4)-2-deoxy-6-O-sulfo-2-(sulfoamino)-alpha-D-glucopyranose-(1-4)-2-O-sulfo-alpha-L-idopyranuronic acid-(1-4)-2-deoxy-6-O-sulfo-2-(sulfoamino)-alpha-D-glucopyranose'
4 water water
#
_entity_poly.entity_id   1
_entity_poly.type   'polypeptide(L)'
_entity_poly.pdbx_seq_one_letter_code
;ADPGMDEITITTQPKSGYVIRNKPLRLQCRANHATKIRYKCSSKWIDDSRIEKLIGTDSTSGVGYIDASVDISRIDVDTS
GHVDAFQCQCYASGDDDQDVVASDVATVHLAYMRKHFLKSPVAQRVQEGTTLQLPCQAPESDPKAELTWYKDGVVVQPDA
NVIRASDGSLIMSAARLSDSGNYTCEATNVANSRKTDPVEVQIYHHHHHH
;
_entity_poly.pdbx_strand_id   A,B
#
loop_
_chem_comp.id
_chem_comp.type
_chem_comp.name
_chem_comp.formula
FUC L-saccharide, alpha linking alpha-L-fucopyranose 'C6 H12 O5'
IDS L-saccharide, alpha linking '2-O-sulfo-alpha-L-idopyranuronic acid' 'C6 H10 O10 S'
NAG D-saccharide, beta linking 2-acetamido-2-deoxy-beta-D-glucopyranose 'C8 H15 N O6'
SGN D-saccharide, alpha linking 2-deoxy-6-O-sulfo-2-(sulfoamino)-alpha-D-glucopyranose 'C6 H13 N O11 S2'
UAP L-saccharide, alpha linking '4-deoxy-2-O-sulfo-alpha-L-threo-hex-4-enopyranuronic acid' 'C6 H8 O9 S'
#
# COMPACT_ATOMS: atom_id res chain seq x y z
N ASP A 6 -37.19 -14.46 4.30
CA ASP A 6 -37.12 -14.66 2.85
C ASP A 6 -35.85 -15.46 2.48
N GLU A 7 -35.22 -15.12 1.37
CA GLU A 7 -34.14 -15.92 0.80
C GLU A 7 -32.79 -15.22 0.95
N ILE A 8 -31.77 -15.99 1.28
CA ILE A 8 -30.42 -15.46 1.50
C ILE A 8 -29.65 -15.52 0.18
N THR A 9 -29.08 -14.38 -0.22
CA THR A 9 -28.21 -14.32 -1.39
C THR A 9 -27.01 -13.42 -1.07
N ILE A 10 -25.93 -13.58 -1.83
CA ILE A 10 -24.68 -12.85 -1.60
C ILE A 10 -24.63 -11.64 -2.51
N THR A 11 -24.44 -10.46 -1.92
CA THR A 11 -24.37 -9.21 -2.67
C THR A 11 -22.95 -8.83 -3.08
N THR A 12 -22.01 -8.80 -2.13
CA THR A 12 -20.59 -8.63 -2.44
C THR A 12 -19.92 -9.97 -2.23
N GLN A 13 -19.30 -10.51 -3.29
CA GLN A 13 -18.56 -11.77 -3.28
C GLN A 13 -17.11 -11.53 -2.88
N PRO A 14 -16.52 -12.40 -2.05
CA PRO A 14 -15.12 -12.21 -1.65
C PRO A 14 -14.22 -12.39 -2.86
N LYS A 15 -13.17 -11.58 -2.94
CA LYS A 15 -12.32 -11.54 -4.12
C LYS A 15 -10.92 -12.06 -3.83
N SER A 16 -10.42 -12.90 -4.74
CA SER A 16 -9.06 -13.41 -4.64
C SER A 16 -8.08 -12.25 -4.63
N GLY A 17 -6.84 -12.56 -4.29
CA GLY A 17 -5.86 -11.51 -4.10
C GLY A 17 -4.64 -12.08 -3.41
N TYR A 18 -3.72 -11.17 -3.05
CA TYR A 18 -2.40 -11.52 -2.57
C TYR A 18 -2.17 -10.94 -1.19
N VAL A 19 -1.43 -11.67 -0.36
CA VAL A 19 -0.85 -11.12 0.85
C VAL A 19 0.52 -10.58 0.48
N ILE A 20 0.73 -9.30 0.73
CA ILE A 20 1.93 -8.59 0.29
C ILE A 20 2.72 -8.17 1.53
N ARG A 21 3.87 -8.79 1.72
CA ARG A 21 4.81 -8.38 2.78
C ARG A 21 4.12 -8.66 4.12
N ASN A 22 3.97 -7.68 5.01
CA ASN A 22 3.32 -7.88 6.30
C ASN A 22 1.95 -7.21 6.32
N LYS A 23 1.27 -7.28 5.19
CA LYS A 23 -0.05 -6.68 5.05
C LYS A 23 -1.03 -7.75 4.64
N PRO A 24 -1.94 -8.15 5.54
CA PRO A 24 -2.91 -9.20 5.21
C PRO A 24 -3.79 -8.83 4.04
N LEU A 25 -4.41 -9.85 3.45
CA LEU A 25 -5.45 -9.63 2.43
C LEU A 25 -6.82 -9.58 3.08
N ARG A 26 -7.60 -8.54 2.75
CA ARG A 26 -8.90 -8.33 3.36
C ARG A 26 -9.99 -8.84 2.42
N LEU A 27 -10.72 -9.86 2.85
CA LEU A 27 -11.87 -10.33 2.12
C LEU A 27 -13.12 -9.68 2.67
N GLN A 28 -14.03 -9.32 1.77
CA GLN A 28 -15.29 -8.71 2.13
C GLN A 28 -16.39 -9.52 1.50
N CYS A 29 -17.46 -9.73 2.25
CA CYS A 29 -18.52 -10.62 1.80
C CYS A 29 -19.81 -10.06 2.38
N ARG A 30 -20.82 -9.86 1.55
CA ARG A 30 -22.05 -9.20 1.97
C ARG A 30 -23.25 -9.98 1.47
N ALA A 31 -24.24 -10.22 2.35
CA ALA A 31 -25.38 -11.05 1.98
C ALA A 31 -26.68 -10.43 2.48
N ASN A 32 -27.71 -10.44 1.64
CA ASN A 32 -29.01 -9.91 2.02
C ASN A 32 -29.83 -10.99 2.73
N HIS A 33 -30.63 -10.54 3.71
CA HIS A 33 -31.50 -11.40 4.53
C HIS A 33 -30.73 -12.39 5.39
N ALA A 34 -29.42 -12.24 5.54
CA ALA A 34 -28.64 -13.13 6.39
C ALA A 34 -28.46 -12.49 7.76
N THR A 35 -28.23 -13.34 8.77
CA THR A 35 -27.99 -12.86 10.13
C THR A 35 -26.58 -13.18 10.61
N LYS A 36 -25.88 -14.07 9.94
CA LYS A 36 -24.58 -14.52 10.40
C LYS A 36 -23.76 -14.86 9.17
N ILE A 37 -22.52 -14.39 9.13
CA ILE A 37 -21.58 -14.81 8.09
C ILE A 37 -20.37 -15.40 8.78
N ARG A 38 -19.95 -16.56 8.29
CA ARG A 38 -18.72 -17.21 8.72
C ARG A 38 -17.82 -17.38 7.51
N TYR A 39 -16.52 -17.46 7.78
CA TYR A 39 -15.52 -17.73 6.77
C TYR A 39 -14.83 -19.06 7.08
N LYS A 40 -14.81 -19.94 6.10
CA LYS A 40 -14.03 -21.17 6.17
C LYS A 40 -12.92 -21.09 5.13
N CYS A 41 -11.69 -21.39 5.54
CA CYS A 41 -10.54 -21.32 4.63
C CYS A 41 -9.83 -22.66 4.64
N SER A 42 -9.91 -23.37 3.53
CA SER A 42 -9.17 -24.61 3.34
C SER A 42 -9.37 -25.53 4.54
N SER A 43 -10.64 -25.93 4.71
CA SER A 43 -11.08 -26.90 5.70
C SER A 43 -11.10 -26.31 7.11
N LYS A 44 -10.25 -25.33 7.40
CA LYS A 44 -10.34 -24.66 8.70
C LYS A 44 -11.41 -23.58 8.68
N TRP A 45 -12.04 -23.38 9.84
CA TRP A 45 -13.00 -22.31 10.05
C TRP A 45 -12.28 -21.11 10.64
N ILE A 46 -12.53 -19.93 10.10
CA ILE A 46 -11.93 -18.74 10.66
C ILE A 46 -12.67 -18.37 11.94
N ASP A 47 -11.93 -18.20 13.02
CA ASP A 47 -12.52 -17.92 14.33
C ASP A 47 -13.37 -16.66 14.27
N ASP A 48 -14.65 -16.80 14.64
CA ASP A 48 -15.63 -15.75 14.40
C ASP A 48 -15.28 -14.43 15.06
N SER A 49 -14.36 -14.44 16.03
CA SER A 49 -13.97 -13.19 16.69
C SER A 49 -13.09 -12.34 15.80
N ARG A 50 -12.57 -12.93 14.72
CA ARG A 50 -11.76 -12.20 13.76
C ARG A 50 -12.59 -11.53 12.68
N ILE A 51 -13.90 -11.76 12.66
CA ILE A 51 -14.74 -11.28 11.57
C ILE A 51 -15.32 -9.94 11.96
N GLU A 52 -15.12 -8.93 11.12
CA GLU A 52 -15.59 -7.58 11.38
C GLU A 52 -16.89 -7.37 10.61
N LYS A 53 -18.00 -7.22 11.33
CA LYS A 53 -19.33 -7.21 10.75
C LYS A 53 -19.99 -5.85 10.81
N LEU A 54 -20.67 -5.49 9.74
CA LEU A 54 -21.43 -4.25 9.66
C LEU A 54 -22.85 -4.62 9.26
N ILE A 55 -23.79 -4.40 10.15
CA ILE A 55 -25.14 -4.91 10.06
C ILE A 55 -26.11 -3.76 9.97
N GLY A 56 -27.11 -3.89 9.10
CA GLY A 56 -28.11 -2.86 8.98
C GLY A 56 -29.26 -3.29 8.10
N THR A 57 -30.07 -2.32 7.72
CA THR A 57 -31.19 -2.50 6.83
C THR A 57 -31.10 -1.47 5.71
N ASP A 58 -31.14 -1.92 4.46
CA ASP A 58 -31.07 -1.00 3.33
C ASP A 58 -32.21 0.00 3.42
N SER A 59 -31.87 1.29 3.53
CA SER A 59 -32.89 2.31 3.73
C SER A 59 -33.95 2.30 2.65
N THR A 60 -33.55 2.15 1.37
CA THR A 60 -34.50 2.21 0.27
C THR A 60 -35.47 1.03 0.24
N SER A 61 -34.95 -0.20 0.20
CA SER A 61 -35.79 -1.39 0.02
C SER A 61 -36.19 -2.07 1.33
N GLY A 62 -35.67 -1.61 2.47
CA GLY A 62 -35.94 -2.22 3.75
C GLY A 62 -35.35 -3.59 3.97
N VAL A 63 -34.49 -4.07 3.07
CA VAL A 63 -34.01 -5.43 3.11
C VAL A 63 -32.73 -5.47 3.93
N GLY A 64 -32.73 -6.28 4.98
CA GLY A 64 -31.57 -6.38 5.84
C GLY A 64 -30.35 -6.89 5.09
N TYR A 65 -29.19 -6.65 5.69
CA TYR A 65 -27.94 -7.10 5.12
C TYR A 65 -26.99 -7.42 6.26
N ILE A 66 -25.88 -8.03 5.90
CA ILE A 66 -24.75 -8.18 6.81
C ILE A 66 -23.49 -8.20 5.95
N ASP A 67 -22.55 -7.32 6.28
CA ASP A 67 -21.33 -7.09 5.53
C ASP A 67 -20.18 -7.50 6.44
N ALA A 68 -19.51 -8.61 6.11
CA ALA A 68 -18.44 -9.13 6.95
C ALA A 68 -17.11 -9.13 6.22
N SER A 69 -16.05 -8.81 6.94
CA SER A 69 -14.72 -8.75 6.38
C SER A 69 -13.74 -9.38 7.37
N VAL A 70 -12.71 -10.01 6.83
CA VAL A 70 -11.67 -10.59 7.66
C VAL A 70 -10.33 -10.37 6.98
N ASP A 71 -9.28 -10.20 7.78
CA ASP A 71 -7.92 -10.02 7.30
C ASP A 71 -7.25 -11.38 7.31
N ILE A 72 -6.93 -11.89 6.13
CA ILE A 72 -6.22 -13.15 5.96
C ILE A 72 -4.73 -12.86 5.92
N SER A 73 -3.98 -13.45 6.84
CA SER A 73 -2.58 -13.13 7.06
C SER A 73 -1.67 -14.21 6.52
N ARG A 74 -0.37 -13.89 6.49
CA ARG A 74 0.60 -14.92 6.12
C ARG A 74 0.65 -16.05 7.12
N ILE A 75 0.34 -15.78 8.40
CA ILE A 75 0.22 -16.86 9.38
C ILE A 75 -0.86 -17.85 8.96
N ASP A 76 -2.00 -17.35 8.48
CA ASP A 76 -3.10 -18.21 8.06
C ASP A 76 -2.67 -19.14 6.95
N VAL A 77 -2.09 -18.58 5.89
CA VAL A 77 -1.74 -19.39 4.72
C VAL A 77 -0.71 -20.44 5.09
N ASP A 78 0.26 -20.07 5.92
CA ASP A 78 1.38 -20.96 6.19
C ASP A 78 0.99 -22.15 7.06
N THR A 79 0.03 -21.97 7.97
CA THR A 79 -0.41 -23.03 8.85
C THR A 79 -1.57 -23.83 8.27
N SER A 80 -1.90 -23.66 6.99
CA SER A 80 -3.13 -24.24 6.46
C SER A 80 -3.01 -25.73 6.18
N GLY A 81 -1.85 -26.17 5.71
CA GLY A 81 -1.72 -27.51 5.15
C GLY A 81 -2.07 -27.57 3.68
N HIS A 82 -2.61 -26.47 3.14
CA HIS A 82 -2.94 -26.33 1.73
C HIS A 82 -2.47 -24.94 1.26
N VAL A 83 -1.16 -24.69 1.34
CA VAL A 83 -0.59 -23.37 1.04
C VAL A 83 -0.74 -23.01 -0.43
N ASP A 84 -0.48 -23.98 -1.34
CA ASP A 84 -0.50 -23.73 -2.78
C ASP A 84 -1.91 -23.79 -3.35
N ALA A 85 -2.89 -24.16 -2.54
CA ALA A 85 -4.30 -24.15 -2.87
C ALA A 85 -5.07 -23.56 -1.71
N PHE A 86 -4.54 -22.50 -1.11
CA PHE A 86 -5.24 -21.89 0.01
C PHE A 86 -6.37 -21.04 -0.53
N GLN A 87 -7.59 -21.38 -0.17
CA GLN A 87 -8.76 -20.70 -0.70
C GLN A 87 -9.80 -20.61 0.39
N CYS A 88 -10.60 -19.54 0.30
CA CYS A 88 -11.51 -19.18 1.35
C CYS A 88 -12.90 -19.03 0.78
N GLN A 89 -13.87 -19.22 1.67
CA GLN A 89 -15.28 -19.12 1.33
C GLN A 89 -16.03 -18.52 2.50
N CYS A 90 -17.18 -17.96 2.14
CA CYS A 90 -18.07 -17.23 3.02
C CYS A 90 -19.40 -17.97 3.11
N TYR A 91 -19.99 -18.03 4.31
CA TYR A 91 -21.24 -18.77 4.54
C TYR A 91 -22.29 -17.91 5.24
N ALA A 92 -23.39 -17.67 4.54
CA ALA A 92 -24.45 -16.77 5.00
C ALA A 92 -25.63 -17.61 5.47
N SER A 93 -25.85 -17.67 6.79
CA SER A 93 -26.98 -18.34 7.42
C SER A 93 -27.96 -17.30 7.99
N GLY A 94 -28.91 -17.79 8.80
CA GLY A 94 -29.93 -16.94 9.39
C GLY A 94 -30.90 -17.70 10.28
N ASP A 95 -32.19 -17.54 10.01
CA ASP A 95 -33.22 -18.28 10.75
C ASP A 95 -33.00 -19.79 10.63
N ASP A 96 -33.64 -20.54 11.53
CA ASP A 96 -33.68 -22.00 11.45
C ASP A 96 -34.31 -22.50 10.16
N ASP A 97 -35.02 -21.62 9.44
CA ASP A 97 -35.75 -21.97 8.23
C ASP A 97 -34.98 -21.67 6.94
N GLN A 98 -33.90 -20.90 7.00
CA GLN A 98 -33.20 -20.46 5.78
C GLN A 98 -32.00 -21.34 5.44
N ASP A 99 -31.74 -21.46 4.13
CA ASP A 99 -30.63 -22.29 3.64
C ASP A 99 -29.34 -21.49 3.68
N VAL A 100 -28.28 -22.12 4.19
CA VAL A 100 -26.95 -21.53 4.14
C VAL A 100 -26.50 -21.40 2.70
N VAL A 101 -26.07 -20.21 2.31
CA VAL A 101 -25.63 -19.91 0.95
C VAL A 101 -24.14 -19.65 0.96
N ALA A 102 -23.39 -20.44 0.19
CA ALA A 102 -21.94 -20.32 0.10
C ALA A 102 -21.54 -19.39 -1.04
N SER A 103 -20.39 -18.75 -0.85
CA SER A 103 -19.92 -17.71 -1.74
C SER A 103 -18.99 -18.30 -2.79
N ASP A 104 -18.54 -17.44 -3.71
CA ASP A 104 -17.43 -17.80 -4.59
C ASP A 104 -16.23 -18.16 -3.75
N VAL A 105 -15.33 -18.94 -4.36
CA VAL A 105 -14.04 -19.23 -3.75
C VAL A 105 -13.08 -18.07 -4.03
N ALA A 106 -12.51 -17.51 -2.97
CA ALA A 106 -11.41 -16.57 -3.10
C ALA A 106 -10.12 -17.29 -2.78
N THR A 107 -9.15 -17.22 -3.69
CA THR A 107 -7.84 -17.78 -3.44
C THR A 107 -6.92 -16.68 -2.95
N VAL A 108 -6.10 -17.01 -1.96
CA VAL A 108 -5.13 -16.08 -1.40
C VAL A 108 -3.75 -16.63 -1.69
N HIS A 109 -2.91 -15.82 -2.32
CA HIS A 109 -1.53 -16.17 -2.58
C HIS A 109 -0.59 -15.22 -1.87
N LEU A 110 0.57 -15.72 -1.52
CA LEU A 110 1.61 -14.91 -0.91
C LEU A 110 2.40 -14.30 -2.07
N ALA A 111 2.36 -12.98 -2.19
CA ALA A 111 3.13 -12.33 -3.24
C ALA A 111 4.60 -12.25 -2.83
N TYR A 112 5.49 -12.39 -3.80
CA TYR A 112 6.92 -12.36 -3.52
C TYR A 112 7.69 -11.99 -4.78
N MET A 113 8.96 -11.67 -4.57
CA MET A 113 9.89 -11.56 -5.69
C MET A 113 11.28 -11.96 -5.18
N ARG A 114 11.87 -12.96 -5.81
CA ARG A 114 13.15 -13.46 -5.33
C ARG A 114 14.26 -12.46 -5.63
N LYS A 115 15.49 -12.80 -5.25
CA LYS A 115 16.62 -11.88 -5.32
C LYS A 115 17.46 -12.03 -6.57
N HIS A 116 17.44 -13.19 -7.22
CA HIS A 116 18.36 -13.47 -8.30
C HIS A 116 17.63 -13.37 -9.64
N PHE A 117 18.19 -12.60 -10.56
CA PHE A 117 17.61 -12.45 -11.88
C PHE A 117 17.89 -13.69 -12.71
N LEU A 118 16.84 -14.27 -13.29
CA LEU A 118 17.09 -15.39 -14.17
C LEU A 118 18.02 -15.01 -15.31
N LYS A 119 17.92 -13.79 -15.82
CA LYS A 119 18.85 -13.30 -16.82
C LYS A 119 19.27 -11.89 -16.46
N SER A 120 20.57 -11.61 -16.53
CA SER A 120 21.04 -10.28 -16.20
C SER A 120 22.12 -9.88 -17.18
N PRO A 121 22.24 -8.58 -17.48
CA PRO A 121 23.28 -8.12 -18.42
C PRO A 121 24.69 -8.35 -17.88
N VAL A 122 25.68 -8.14 -18.76
CA VAL A 122 27.10 -8.20 -18.43
C VAL A 122 27.87 -7.14 -19.19
N ALA A 123 28.97 -6.68 -18.58
CA ALA A 123 29.79 -5.62 -19.16
C ALA A 123 30.30 -6.02 -20.53
N GLN A 124 30.36 -5.04 -21.43
CA GLN A 124 30.75 -5.29 -22.80
C GLN A 124 31.67 -4.17 -23.24
N ARG A 125 32.71 -4.53 -23.94
CA ARG A 125 33.50 -3.56 -24.69
C ARG A 125 33.40 -4.00 -26.15
N VAL A 126 32.75 -3.19 -26.99
CA VAL A 126 32.44 -3.63 -28.34
C VAL A 126 32.51 -2.46 -29.30
N GLN A 127 32.90 -2.75 -30.53
CA GLN A 127 33.21 -1.73 -31.51
C GLN A 127 31.95 -1.11 -32.10
N GLU A 128 32.04 0.18 -32.41
CA GLU A 128 30.94 0.92 -33.02
C GLU A 128 30.35 0.15 -34.19
N GLY A 129 29.03 0.20 -34.31
CA GLY A 129 28.32 -0.53 -35.34
C GLY A 129 27.91 -1.93 -34.97
N THR A 130 28.55 -2.51 -33.96
CA THR A 130 28.19 -3.85 -33.50
C THR A 130 26.77 -3.87 -32.95
N THR A 131 26.04 -4.92 -33.28
CA THR A 131 24.79 -5.16 -32.63
C THR A 131 25.06 -5.73 -31.25
N LEU A 132 24.53 -5.09 -30.23
CA LEU A 132 24.69 -5.57 -28.88
C LEU A 132 23.31 -5.82 -28.30
N GLN A 133 23.20 -6.96 -27.62
CA GLN A 133 21.98 -7.35 -26.98
C GLN A 133 22.26 -7.51 -25.50
N LEU A 134 21.48 -6.82 -24.67
CA LEU A 134 21.62 -6.91 -23.23
C LEU A 134 20.44 -7.67 -22.68
N PRO A 135 20.65 -8.83 -22.09
CA PRO A 135 19.53 -9.65 -21.62
C PRO A 135 18.99 -9.16 -20.30
N CYS A 136 17.75 -9.57 -20.03
CA CYS A 136 17.19 -9.35 -18.72
C CYS A 136 15.94 -10.17 -18.51
N GLN A 137 15.86 -10.89 -17.40
CA GLN A 137 14.64 -11.61 -17.06
C GLN A 137 14.46 -11.55 -15.55
N ALA A 138 13.27 -11.17 -15.11
CA ALA A 138 13.05 -10.90 -13.71
C ALA A 138 13.32 -12.13 -12.86
N PRO A 139 13.61 -11.92 -11.59
CA PRO A 139 13.63 -13.05 -10.66
C PRO A 139 12.27 -13.69 -10.63
N GLU A 140 12.24 -14.97 -10.28
CA GLU A 140 10.99 -15.66 -10.03
C GLU A 140 10.09 -14.80 -9.14
N SER A 141 8.90 -14.49 -9.63
CA SER A 141 8.05 -13.61 -8.86
C SER A 141 6.58 -13.89 -9.08
N ASP A 142 5.80 -13.52 -8.10
CA ASP A 142 4.36 -13.70 -8.17
C ASP A 142 3.75 -12.49 -7.50
N PRO A 143 2.96 -11.67 -8.20
CA PRO A 143 2.61 -11.79 -9.62
C PRO A 143 3.78 -11.48 -10.52
N LYS A 144 3.59 -11.70 -11.82
CA LYS A 144 4.69 -11.54 -12.75
C LYS A 144 5.22 -10.11 -12.69
N ALA A 145 6.51 -9.96 -12.96
CA ALA A 145 7.16 -8.67 -12.80
C ALA A 145 7.16 -7.90 -14.11
N GLU A 146 7.43 -6.59 -14.01
CA GLU A 146 7.56 -5.75 -15.18
C GLU A 146 8.97 -5.18 -15.25
N LEU A 147 9.57 -5.22 -16.43
CA LEU A 147 10.93 -4.75 -16.62
C LEU A 147 10.96 -3.31 -17.09
N THR A 148 11.89 -2.54 -16.54
CA THR A 148 12.22 -1.24 -17.11
C THR A 148 13.72 -1.18 -17.24
N TRP A 149 14.21 -0.54 -18.30
CA TRP A 149 15.63 -0.43 -18.56
C TRP A 149 16.09 0.99 -18.33
N TYR A 150 17.25 1.14 -17.70
CA TYR A 150 17.80 2.44 -17.38
C TYR A 150 19.22 2.54 -17.90
N LYS A 151 19.52 3.63 -18.59
CA LYS A 151 20.87 3.96 -19.06
C LYS A 151 21.35 5.15 -18.27
N ASP A 152 22.34 4.94 -17.39
CA ASP A 152 22.87 6.03 -16.57
C ASP A 152 21.77 6.77 -15.83
N GLY A 153 20.71 6.08 -15.44
CA GLY A 153 19.64 6.69 -14.68
C GLY A 153 18.46 7.18 -15.48
N VAL A 154 18.54 7.20 -16.82
CA VAL A 154 17.42 7.62 -17.66
C VAL A 154 16.70 6.39 -18.24
N VAL A 155 15.38 6.35 -18.10
CA VAL A 155 14.58 5.26 -18.64
C VAL A 155 14.77 5.19 -20.14
N VAL A 156 15.14 4.02 -20.65
CA VAL A 156 15.44 3.93 -22.07
C VAL A 156 14.16 4.02 -22.88
N GLN A 157 14.19 4.86 -23.91
CA GLN A 157 13.06 5.06 -24.81
C GLN A 157 13.35 4.41 -26.16
N PRO A 158 12.58 3.41 -26.57
CA PRO A 158 12.81 2.78 -27.89
C PRO A 158 12.70 3.77 -29.04
N ASP A 159 13.54 3.58 -30.06
CA ASP A 159 13.58 4.46 -31.23
C ASP A 159 13.79 3.69 -32.53
N ALA A 160 14.83 4.08 -33.28
CA ALA A 160 15.23 3.39 -34.49
C ALA A 160 16.37 2.41 -34.26
N ASN A 161 17.29 2.73 -33.34
CA ASN A 161 18.44 1.88 -33.08
C ASN A 161 18.28 0.97 -31.88
N VAL A 162 17.55 1.38 -30.84
CA VAL A 162 17.34 0.55 -29.66
C VAL A 162 15.88 0.11 -29.62
N ILE A 163 15.66 -1.15 -29.25
CA ILE A 163 14.32 -1.69 -29.17
C ILE A 163 14.24 -2.60 -27.97
N ARG A 164 13.08 -2.61 -27.32
CA ARG A 164 12.79 -3.54 -26.24
C ARG A 164 12.22 -4.79 -26.86
N ALA A 165 12.87 -5.91 -26.62
CA ALA A 165 12.43 -7.14 -27.24
C ALA A 165 11.49 -7.87 -26.30
N SER A 166 10.66 -8.72 -26.87
CA SER A 166 9.66 -9.37 -26.04
C SER A 166 10.29 -10.18 -24.92
N ASP A 167 11.52 -10.66 -25.11
CA ASP A 167 12.16 -11.45 -24.07
C ASP A 167 12.78 -10.60 -22.99
N GLY A 168 12.43 -9.31 -22.94
CA GLY A 168 12.93 -8.40 -21.92
C GLY A 168 14.28 -7.79 -22.22
N SER A 169 14.93 -8.19 -23.29
CA SER A 169 16.26 -7.67 -23.56
C SER A 169 16.19 -6.38 -24.35
N LEU A 170 17.32 -5.66 -24.33
CA LEU A 170 17.50 -4.40 -25.02
C LEU A 170 18.44 -4.64 -26.20
N ILE A 171 18.03 -4.24 -27.40
CA ILE A 171 18.82 -4.49 -28.61
C ILE A 171 19.14 -3.18 -29.29
N MET A 172 20.44 -2.93 -29.51
CA MET A 172 20.91 -1.77 -30.28
C MET A 172 21.50 -2.34 -31.56
N SER A 173 20.81 -2.10 -32.67
CA SER A 173 21.19 -2.68 -33.95
C SER A 173 22.63 -2.36 -34.34
N ALA A 174 22.97 -1.08 -34.37
CA ALA A 174 24.27 -0.64 -34.82
C ALA A 174 24.74 0.35 -33.78
N ALA A 175 25.53 -0.13 -32.82
CA ALA A 175 25.89 0.64 -31.63
C ALA A 175 26.54 1.97 -31.94
N ARG A 176 25.84 3.06 -31.64
CA ARG A 176 26.42 4.39 -31.76
C ARG A 176 27.30 4.69 -30.55
N LEU A 177 28.22 5.65 -30.71
CA LEU A 177 29.03 6.06 -29.56
C LEU A 177 28.15 6.55 -28.44
N SER A 178 27.04 7.22 -28.75
CA SER A 178 26.11 7.72 -27.75
C SER A 178 25.43 6.62 -26.95
N ASP A 179 25.53 5.38 -27.39
CA ASP A 179 24.92 4.29 -26.64
C ASP A 179 25.77 3.83 -25.46
N SER A 180 27.00 4.31 -25.34
CA SER A 180 27.82 3.94 -24.19
C SER A 180 27.18 4.45 -22.92
N GLY A 181 27.43 3.74 -21.83
CA GLY A 181 26.86 4.12 -20.54
C GLY A 181 26.81 2.92 -19.62
N ASN A 182 26.24 3.16 -18.43
CA ASN A 182 26.05 2.13 -17.43
C ASN A 182 24.57 1.72 -17.45
N TYR A 183 24.31 0.43 -17.68
CA TYR A 183 22.95 -0.04 -17.91
C TYR A 183 22.47 -0.89 -16.73
N THR A 184 21.17 -0.77 -16.42
CA THR A 184 20.55 -1.49 -15.33
C THR A 184 19.14 -1.90 -15.73
N CYS A 185 18.74 -3.10 -15.35
CA CYS A 185 17.40 -3.63 -15.56
C CYS A 185 16.65 -3.63 -14.24
N GLU A 186 15.41 -3.14 -14.22
CA GLU A 186 14.65 -3.12 -13.00
C GLU A 186 13.41 -3.98 -13.17
N ALA A 187 13.12 -4.84 -12.19
CA ALA A 187 11.94 -5.69 -12.20
C ALA A 187 11.01 -5.26 -11.07
N THR A 188 9.72 -5.16 -11.37
CA THR A 188 8.81 -4.61 -10.37
C THR A 188 7.49 -5.36 -10.35
N ASN A 189 7.02 -5.67 -9.15
CA ASN A 189 5.65 -6.12 -8.96
C ASN A 189 5.17 -5.60 -7.63
N VAL A 190 3.95 -5.96 -7.25
CA VAL A 190 3.39 -5.38 -6.04
C VAL A 190 4.17 -5.70 -4.79
N ALA A 191 5.10 -6.65 -4.84
CA ALA A 191 5.77 -7.09 -3.62
C ALA A 191 7.15 -6.48 -3.43
N ASN A 192 7.84 -6.15 -4.52
CA ASN A 192 9.17 -5.61 -4.41
C ASN A 192 9.59 -5.03 -5.75
N SER A 193 10.72 -4.34 -5.73
CA SER A 193 11.27 -3.71 -6.92
C SER A 193 12.77 -3.84 -6.83
N ARG A 194 13.37 -4.54 -7.80
CA ARG A 194 14.79 -4.89 -7.74
C ARG A 194 15.51 -4.53 -9.02
N LYS A 195 16.78 -4.13 -8.88
CA LYS A 195 17.64 -3.75 -10.01
C LYS A 195 18.90 -4.59 -10.08
N THR A 196 19.33 -4.93 -11.31
CA THR A 196 20.64 -5.54 -11.49
C THR A 196 21.74 -4.54 -11.13
N ASP A 197 22.90 -5.05 -10.75
CA ASP A 197 24.02 -4.17 -10.54
C ASP A 197 24.41 -3.55 -11.87
N PRO A 198 24.75 -2.27 -11.92
CA PRO A 198 25.13 -1.64 -13.18
C PRO A 198 26.25 -2.41 -13.88
N VAL A 199 26.08 -2.65 -15.19
CA VAL A 199 27.16 -3.14 -16.04
C VAL A 199 27.63 -1.98 -16.91
N GLU A 200 28.88 -2.04 -17.36
CA GLU A 200 29.39 -0.97 -18.21
C GLU A 200 29.40 -1.40 -19.68
N VAL A 201 29.12 -0.44 -20.55
CA VAL A 201 29.13 -0.64 -22.00
C VAL A 201 30.06 0.40 -22.61
N GLN A 202 31.15 -0.06 -23.22
CA GLN A 202 32.08 0.81 -23.90
C GLN A 202 31.93 0.61 -25.40
N ILE A 203 31.80 1.71 -26.14
CA ILE A 203 31.73 1.68 -27.60
C ILE A 203 32.91 2.50 -28.12
N TYR A 204 33.76 1.88 -28.95
CA TYR A 204 34.97 2.53 -29.43
C TYR A 204 35.01 2.56 -30.95
N HIS A 205 36.18 2.90 -31.52
CA HIS A 205 36.37 2.79 -32.97
C HIS A 205 37.86 2.52 -33.34
N ASP B 6 13.55 30.67 -23.57
CA ASP B 6 12.31 30.11 -23.05
C ASP B 6 12.23 30.27 -21.52
N GLU B 7 11.74 29.25 -20.83
CA GLU B 7 11.47 29.34 -19.39
C GLU B 7 11.34 27.95 -18.77
N ILE B 8 11.93 27.77 -17.57
CA ILE B 8 11.81 26.53 -16.80
C ILE B 8 10.69 26.71 -15.78
N THR B 9 9.73 25.79 -15.78
CA THR B 9 8.68 25.78 -14.77
C THR B 9 8.45 24.34 -14.35
N ILE B 10 7.89 24.18 -13.16
CA ILE B 10 7.70 22.88 -12.55
C ILE B 10 6.27 22.42 -12.81
N THR B 11 6.13 21.22 -13.37
CA THR B 11 4.82 20.65 -13.65
C THR B 11 4.30 19.82 -12.49
N THR B 12 5.10 18.85 -12.03
CA THR B 12 4.77 18.07 -10.85
C THR B 12 5.65 18.55 -9.72
N GLN B 13 5.03 19.03 -8.64
CA GLN B 13 5.75 19.43 -7.46
C GLN B 13 6.00 18.24 -6.53
N PRO B 14 7.18 18.11 -5.91
CA PRO B 14 7.40 17.01 -4.98
C PRO B 14 6.51 17.20 -3.77
N LYS B 15 5.93 16.09 -3.31
CA LYS B 15 4.89 16.14 -2.30
C LYS B 15 5.35 15.47 -1.02
N SER B 16 5.07 16.12 0.11
CA SER B 16 5.40 15.56 1.41
C SER B 16 4.66 14.24 1.61
N GLY B 17 5.08 13.51 2.64
CA GLY B 17 4.54 12.17 2.81
C GLY B 17 5.36 11.39 3.82
N TYR B 18 5.04 10.10 3.89
CA TYR B 18 5.54 9.25 4.95
C TYR B 18 6.30 8.07 4.38
N VAL B 19 7.32 7.63 5.11
CA VAL B 19 7.91 6.33 4.89
C VAL B 19 7.14 5.37 5.75
N ILE B 20 6.57 4.35 5.13
CA ILE B 20 5.68 3.43 5.80
C ILE B 20 6.35 2.08 5.81
N ARG B 21 6.71 1.59 6.99
CA ARG B 21 7.21 0.22 7.12
C ARG B 21 8.48 0.14 6.31
N ASN B 22 8.57 -0.73 5.34
CA ASN B 22 9.77 -0.88 4.54
C ASN B 22 9.52 -0.40 3.12
N LYS B 23 8.79 0.69 2.98
CA LYS B 23 8.43 1.22 1.67
C LYS B 23 8.92 2.64 1.60
N PRO B 24 9.92 2.92 0.78
CA PRO B 24 10.40 4.30 0.66
C PRO B 24 9.30 5.23 0.21
N LEU B 25 9.45 6.51 0.47
CA LEU B 25 8.56 7.51 -0.09
C LEU B 25 9.16 8.00 -1.39
N ARG B 26 8.35 8.02 -2.45
CA ARG B 26 8.80 8.44 -3.77
C ARG B 26 8.41 9.89 -3.98
N LEU B 27 9.41 10.75 -4.08
CA LEU B 27 9.18 12.13 -4.46
C LEU B 27 9.32 12.23 -5.97
N GLN B 28 8.38 12.92 -6.60
CA GLN B 28 8.43 13.09 -8.04
C GLN B 28 8.36 14.57 -8.37
N CYS B 29 9.14 14.97 -9.37
CA CYS B 29 9.40 16.36 -9.69
C CYS B 29 9.55 16.49 -11.20
N ARG B 30 8.78 17.38 -11.81
CA ARG B 30 8.74 17.47 -13.27
C ARG B 30 8.82 18.92 -13.68
N ALA B 31 9.66 19.20 -14.69
CA ALA B 31 9.95 20.56 -15.11
C ALA B 31 9.97 20.69 -16.63
N ASN B 32 9.37 21.76 -17.14
CA ASN B 32 9.40 22.06 -18.56
C ASN B 32 10.68 22.81 -18.92
N HIS B 33 11.17 22.54 -20.13
CA HIS B 33 12.34 23.20 -20.71
C HIS B 33 13.61 22.96 -19.89
N ALA B 34 13.61 22.06 -18.94
CA ALA B 34 14.80 21.76 -18.16
C ALA B 34 15.48 20.53 -18.74
N THR B 35 16.79 20.42 -18.47
CA THR B 35 17.55 19.27 -18.92
C THR B 35 18.07 18.41 -17.77
N LYS B 36 18.05 18.92 -16.54
CA LYS B 36 18.65 18.21 -15.41
C LYS B 36 17.87 18.57 -14.15
N ILE B 37 17.53 17.58 -13.35
CA ILE B 37 16.93 17.79 -12.06
C ILE B 37 17.84 17.13 -11.03
N ARG B 38 18.14 17.86 -9.96
CA ARG B 38 18.89 17.38 -8.81
C ARG B 38 18.02 17.48 -7.57
N TYR B 39 18.27 16.61 -6.61
CA TYR B 39 17.53 16.63 -5.35
C TYR B 39 18.47 16.93 -4.19
N LYS B 40 18.08 17.88 -3.35
CA LYS B 40 18.77 18.19 -2.10
C LYS B 40 17.84 17.83 -0.94
N CYS B 41 18.35 17.08 0.03
CA CYS B 41 17.53 16.64 1.17
C CYS B 41 18.23 16.98 2.47
N SER B 42 17.63 17.89 3.21
CA SER B 42 18.15 18.27 4.52
C SER B 42 19.61 18.67 4.37
N SER B 43 19.81 19.67 3.50
CA SER B 43 21.10 20.31 3.25
C SER B 43 22.04 19.44 2.43
N LYS B 44 21.92 18.11 2.55
CA LYS B 44 22.72 17.18 1.77
C LYS B 44 22.13 17.04 0.36
N TRP B 45 23.02 16.76 -0.60
CA TRP B 45 22.63 16.50 -1.96
C TRP B 45 22.42 15.00 -2.15
N ILE B 46 21.31 14.63 -2.77
CA ILE B 46 21.05 13.23 -3.08
C ILE B 46 21.95 12.81 -4.23
N ASP B 47 22.70 11.72 -4.01
CA ASP B 47 23.66 11.29 -5.03
C ASP B 47 22.94 11.02 -6.35
N ASP B 48 23.33 11.78 -7.39
CA ASP B 48 22.57 11.82 -8.64
C ASP B 48 22.42 10.46 -9.31
N SER B 49 23.17 9.43 -8.89
CA SER B 49 22.96 8.10 -9.44
C SER B 49 21.68 7.47 -8.90
N ARG B 50 21.12 8.00 -7.82
CA ARG B 50 19.88 7.50 -7.24
C ARG B 50 18.63 8.07 -7.89
N ILE B 51 18.77 9.01 -8.80
CA ILE B 51 17.63 9.71 -9.36
C ILE B 51 17.18 8.99 -10.62
N GLU B 52 15.90 8.68 -10.69
CA GLU B 52 15.33 8.03 -11.85
C GLU B 52 14.72 9.14 -12.71
N LYS B 53 15.29 9.33 -13.90
CA LYS B 53 15.00 10.47 -14.76
C LYS B 53 14.27 9.98 -16.01
N LEU B 54 13.23 10.72 -16.40
CA LEU B 54 12.46 10.42 -17.61
C LEU B 54 12.42 11.67 -18.48
N ILE B 55 13.01 11.60 -19.67
CA ILE B 55 13.28 12.77 -20.49
C ILE B 55 12.52 12.63 -21.80
N GLY B 56 11.89 13.72 -22.23
CA GLY B 56 11.21 13.71 -23.52
C GLY B 56 10.68 15.07 -23.89
N THR B 57 9.85 15.06 -24.94
CA THR B 57 9.16 16.23 -25.47
C THR B 57 7.68 15.88 -25.58
N ASP B 58 6.81 16.78 -25.07
CA ASP B 58 5.38 16.51 -25.00
C ASP B 58 4.73 16.22 -26.36
N SER B 59 5.33 16.66 -27.47
CA SER B 59 4.83 16.52 -28.85
C SER B 59 3.49 17.24 -29.09
N THR B 60 2.54 17.11 -28.15
CA THR B 60 1.28 17.85 -28.28
C THR B 60 1.58 19.34 -28.24
N SER B 61 2.33 19.76 -27.20
CA SER B 61 2.75 21.13 -26.99
C SER B 61 4.14 21.42 -27.54
N GLY B 62 4.88 20.38 -27.95
CA GLY B 62 6.24 20.52 -28.45
C GLY B 62 7.24 20.98 -27.41
N VAL B 63 6.83 21.09 -26.15
CA VAL B 63 7.65 21.66 -25.09
C VAL B 63 8.36 20.53 -24.37
N GLY B 64 9.69 20.60 -24.35
CA GLY B 64 10.46 19.59 -23.65
C GLY B 64 10.12 19.56 -22.18
N TYR B 65 10.47 18.44 -21.55
CA TYR B 65 10.22 18.26 -20.13
C TYR B 65 11.31 17.36 -19.56
N ILE B 66 11.30 17.23 -18.23
CA ILE B 66 12.09 16.22 -17.53
C ILE B 66 11.35 15.85 -16.25
N ASP B 67 11.13 14.55 -16.06
CA ASP B 67 10.39 14.01 -14.93
C ASP B 67 11.38 13.15 -14.13
N ALA B 68 11.73 13.60 -12.93
CA ALA B 68 12.71 12.93 -12.11
C ALA B 68 12.08 12.45 -10.80
N SER B 69 12.49 11.29 -10.33
CA SER B 69 11.93 10.72 -9.12
C SER B 69 13.03 10.10 -8.28
N VAL B 70 12.86 10.12 -6.98
CA VAL B 70 13.81 9.46 -6.10
C VAL B 70 13.03 8.83 -4.96
N ASP B 71 13.53 7.70 -4.47
CA ASP B 71 12.95 6.97 -3.35
C ASP B 71 13.69 7.37 -2.08
N ILE B 72 12.97 7.98 -1.14
CA ILE B 72 13.51 8.36 0.15
C ILE B 72 13.24 7.24 1.15
N SER B 73 14.29 6.70 1.75
CA SER B 73 14.16 5.51 2.58
C SER B 73 14.26 5.88 4.05
N ARG B 74 13.93 4.90 4.88
CA ARG B 74 14.10 5.04 6.32
C ARG B 74 15.56 5.25 6.69
N ILE B 75 16.49 4.65 5.94
CA ILE B 75 17.90 4.89 6.17
C ILE B 75 18.26 6.35 5.89
N ASP B 76 17.69 6.92 4.81
CA ASP B 76 17.97 8.32 4.50
C ASP B 76 17.60 9.20 5.68
N VAL B 77 16.38 9.07 6.15
CA VAL B 77 15.90 9.92 7.22
C VAL B 77 16.73 9.72 8.48
N ASP B 78 17.08 8.48 8.80
CA ASP B 78 17.74 8.22 10.08
C ASP B 78 19.17 8.72 10.12
N THR B 79 19.89 8.68 9.00
CA THR B 79 21.28 9.12 9.00
C THR B 79 21.45 10.59 8.67
N SER B 80 20.35 11.33 8.58
CA SER B 80 20.42 12.69 8.08
C SER B 80 20.95 13.63 9.13
N GLY B 81 20.65 13.38 10.40
CA GLY B 81 20.90 14.35 11.43
C GLY B 81 19.73 15.28 11.68
N HIS B 82 18.68 15.21 10.86
CA HIS B 82 17.48 16.00 11.04
C HIS B 82 16.26 15.10 10.87
N VAL B 83 16.15 14.10 11.74
CA VAL B 83 15.14 13.06 11.55
C VAL B 83 13.74 13.65 11.64
N ASP B 84 13.52 14.52 12.62
CA ASP B 84 12.22 15.14 12.86
C ASP B 84 11.96 16.38 11.99
N ALA B 85 12.91 16.81 11.17
CA ALA B 85 12.71 17.92 10.23
C ALA B 85 13.29 17.59 8.86
N PHE B 86 13.10 16.37 8.39
CA PHE B 86 13.69 15.95 7.13
C PHE B 86 12.87 16.51 6.00
N GLN B 87 13.48 17.30 5.12
CA GLN B 87 12.75 17.89 4.01
C GLN B 87 13.64 17.94 2.78
N CYS B 88 13.01 17.88 1.60
CA CYS B 88 13.71 17.72 0.34
C CYS B 88 13.22 18.75 -0.69
N GLN B 89 14.08 19.02 -1.68
CA GLN B 89 13.75 19.94 -2.76
C GLN B 89 14.44 19.47 -4.05
N CYS B 90 13.85 19.84 -5.18
CA CYS B 90 14.45 19.51 -6.47
C CYS B 90 14.77 20.82 -7.17
N TYR B 91 15.84 20.80 -7.95
CA TYR B 91 16.33 21.98 -8.63
C TYR B 91 16.50 21.63 -10.10
N ALA B 92 15.75 22.31 -10.96
CA ALA B 92 15.73 22.00 -12.38
C ALA B 92 16.60 23.02 -13.11
N SER B 93 17.76 22.58 -13.57
CA SER B 93 18.66 23.42 -14.33
C SER B 93 18.55 23.03 -15.81
N GLY B 94 19.49 23.53 -16.61
CA GLY B 94 19.48 23.27 -18.03
C GLY B 94 20.65 23.93 -18.70
N ASP B 95 20.39 24.75 -19.72
CA ASP B 95 21.44 25.51 -20.36
C ASP B 95 22.18 26.38 -19.34
N ASP B 96 23.38 26.81 -19.73
CA ASP B 96 24.12 27.81 -18.95
C ASP B 96 23.38 29.16 -18.90
N ASP B 97 22.34 29.35 -19.72
CA ASP B 97 21.59 30.62 -19.79
C ASP B 97 20.34 30.65 -18.94
N GLN B 98 19.87 29.50 -18.44
CA GLN B 98 18.58 29.41 -17.78
C GLN B 98 18.73 29.44 -16.25
N ASP B 99 17.72 29.95 -15.57
CA ASP B 99 17.74 30.07 -14.12
C ASP B 99 17.31 28.75 -13.49
N VAL B 100 18.07 28.30 -12.48
CA VAL B 100 17.67 27.13 -11.71
C VAL B 100 16.37 27.42 -10.97
N VAL B 101 15.39 26.53 -11.11
CA VAL B 101 14.08 26.70 -10.50
C VAL B 101 13.94 25.69 -9.37
N ALA B 102 13.77 26.18 -8.15
CA ALA B 102 13.61 25.30 -6.99
C ALA B 102 12.13 25.03 -6.75
N SER B 103 11.84 23.83 -6.26
CA SER B 103 10.47 23.38 -6.09
C SER B 103 10.01 23.61 -4.67
N ASP B 104 8.75 23.26 -4.42
CA ASP B 104 8.21 23.26 -3.07
C ASP B 104 9.04 22.36 -2.17
N VAL B 105 9.02 22.65 -0.87
CA VAL B 105 9.65 21.78 0.10
C VAL B 105 8.72 20.63 0.41
N ALA B 106 9.21 19.41 0.21
CA ALA B 106 8.53 18.19 0.64
C ALA B 106 9.18 17.68 1.91
N THR B 107 8.38 17.46 2.95
CA THR B 107 8.90 16.86 4.17
C THR B 107 8.61 15.37 4.19
N VAL B 108 9.58 14.59 4.63
CA VAL B 108 9.46 13.15 4.77
C VAL B 108 9.44 12.85 6.26
N HIS B 109 8.40 12.15 6.70
CA HIS B 109 8.29 11.68 8.08
C HIS B 109 8.22 10.15 8.10
N LEU B 110 8.70 9.57 9.20
CA LEU B 110 8.59 8.12 9.39
C LEU B 110 7.26 7.84 10.06
N ALA B 111 6.38 7.14 9.36
CA ALA B 111 5.08 6.83 9.92
C ALA B 111 5.21 5.70 10.93
N TYR B 112 4.42 5.76 12.00
CA TYR B 112 4.49 4.76 13.06
C TYR B 112 3.19 4.75 13.85
N MET B 113 3.02 3.69 14.65
CA MET B 113 1.98 3.66 15.67
C MET B 113 2.41 2.76 16.82
N ARG B 114 2.43 3.28 18.05
CA ARG B 114 2.96 2.53 19.17
C ARG B 114 2.01 1.39 19.54
N LYS B 115 2.38 0.64 20.59
CA LYS B 115 1.68 -0.61 20.94
C LYS B 115 0.55 -0.44 21.95
N HIS B 116 0.61 0.47 22.90
CA HIS B 116 -0.42 0.52 23.92
C HIS B 116 -1.24 1.81 23.80
N PHE B 117 -2.56 1.66 23.98
CA PHE B 117 -3.47 2.78 23.88
C PHE B 117 -3.29 3.71 25.07
N LEU B 118 -3.23 5.00 24.79
CA LEU B 118 -3.23 5.98 25.86
C LEU B 118 -4.45 5.85 26.75
N LYS B 119 -5.60 5.54 26.16
CA LYS B 119 -6.82 5.25 26.93
C LYS B 119 -7.48 4.02 26.35
N SER B 120 -7.89 3.11 27.23
CA SER B 120 -8.63 1.92 26.80
C SER B 120 -9.80 1.69 27.75
N PRO B 121 -10.87 1.08 27.26
CA PRO B 121 -12.02 0.81 28.11
C PRO B 121 -11.62 -0.12 29.24
N VAL B 122 -12.56 -0.28 30.15
CA VAL B 122 -12.48 -1.24 31.24
C VAL B 122 -13.85 -1.86 31.47
N ALA B 123 -13.82 -3.09 31.98
CA ALA B 123 -15.04 -3.85 32.23
C ALA B 123 -16.00 -3.10 33.12
N GLN B 124 -17.28 -3.25 32.84
CA GLN B 124 -18.29 -2.57 33.64
C GLN B 124 -19.47 -3.50 33.83
N ARG B 125 -19.95 -3.56 35.06
CA ARG B 125 -21.25 -4.14 35.39
C ARG B 125 -22.04 -3.02 36.02
N VAL B 126 -23.13 -2.61 35.37
CA VAL B 126 -23.81 -1.39 35.76
C VAL B 126 -25.30 -1.56 35.52
N GLN B 127 -26.09 -0.85 36.32
CA GLN B 127 -27.54 -1.01 36.32
C GLN B 127 -28.20 -0.28 35.15
N GLU B 128 -29.27 -0.89 34.62
CA GLU B 128 -30.03 -0.33 33.52
C GLU B 128 -30.39 1.13 33.79
N GLY B 129 -30.31 1.95 32.75
CA GLY B 129 -30.57 3.36 32.88
C GLY B 129 -29.35 4.20 33.20
N THR B 130 -28.27 3.58 33.66
CA THR B 130 -27.04 4.31 33.93
C THR B 130 -26.45 4.88 32.65
N THR B 131 -25.94 6.10 32.73
CA THR B 131 -25.15 6.61 31.63
C THR B 131 -23.78 5.97 31.69
N LEU B 132 -23.38 5.34 30.60
CA LEU B 132 -22.11 4.67 30.58
C LEU B 132 -21.22 5.28 29.50
N GLN B 133 -19.98 5.55 29.88
CA GLN B 133 -18.97 6.11 29.00
C GLN B 133 -17.76 5.17 28.95
N LEU B 134 -17.38 4.74 27.75
CA LEU B 134 -16.21 3.89 27.53
C LEU B 134 -15.12 4.68 26.82
N PRO B 135 -13.95 4.90 27.42
CA PRO B 135 -12.94 5.74 26.77
C PRO B 135 -12.11 4.99 25.75
N CYS B 136 -11.48 5.77 24.88
CA CYS B 136 -10.50 5.21 23.96
C CYS B 136 -9.67 6.32 23.34
N GLN B 137 -8.36 6.16 23.36
CA GLN B 137 -7.49 7.10 22.69
C GLN B 137 -6.36 6.30 22.07
N ALA B 138 -6.10 6.54 20.78
CA ALA B 138 -5.16 5.72 20.06
C ALA B 138 -3.79 5.78 20.71
N PRO B 139 -2.94 4.80 20.45
CA PRO B 139 -1.54 4.93 20.85
C PRO B 139 -0.94 6.06 20.08
N GLU B 140 0.08 6.68 20.67
CA GLU B 140 0.83 7.73 19.99
C GLU B 140 1.19 7.28 18.57
N SER B 141 0.75 8.06 17.60
CA SER B 141 0.92 7.64 16.22
C SER B 141 1.07 8.83 15.29
N ASP B 142 1.75 8.60 14.17
CA ASP B 142 1.95 9.60 13.12
C ASP B 142 1.84 8.87 11.79
N PRO B 143 0.89 9.23 10.91
CA PRO B 143 -0.11 10.29 11.09
C PRO B 143 -1.19 9.91 12.08
N LYS B 144 -2.06 10.87 12.39
CA LYS B 144 -3.10 10.67 13.38
C LYS B 144 -3.93 9.45 13.04
N ALA B 145 -4.39 8.75 14.07
CA ALA B 145 -5.08 7.49 13.88
C ALA B 145 -6.58 7.72 13.87
N GLU B 146 -7.31 6.74 13.34
CA GLU B 146 -8.77 6.77 13.30
C GLU B 146 -9.33 5.64 14.14
N LEU B 147 -10.35 5.95 14.95
CA LEU B 147 -10.94 4.98 15.87
C LEU B 147 -12.19 4.35 15.29
N THR B 148 -12.34 3.04 15.49
CA THR B 148 -13.58 2.34 15.24
C THR B 148 -13.95 1.52 16.46
N TRP B 149 -15.25 1.46 16.79
CA TRP B 149 -15.75 0.73 17.94
C TRP B 149 -16.54 -0.50 17.49
N TYR B 150 -16.35 -1.61 18.20
CA TYR B 150 -16.98 -2.87 17.84
C TYR B 150 -17.68 -3.45 19.04
N LYS B 151 -18.93 -3.88 18.88
CA LYS B 151 -19.68 -4.57 19.91
C LYS B 151 -19.80 -6.01 19.45
N ASP B 152 -19.10 -6.91 20.13
CA ASP B 152 -19.11 -8.33 19.76
C ASP B 152 -18.77 -8.52 18.29
N GLY B 153 -17.97 -7.64 17.73
CA GLY B 153 -17.58 -7.79 16.36
C GLY B 153 -18.41 -7.00 15.37
N VAL B 154 -19.52 -6.40 15.78
CA VAL B 154 -20.30 -5.57 14.87
C VAL B 154 -19.95 -4.12 15.11
N VAL B 155 -19.67 -3.40 14.02
CA VAL B 155 -19.35 -1.99 14.11
C VAL B 155 -20.49 -1.23 14.74
N VAL B 156 -20.18 -0.45 15.77
CA VAL B 156 -21.22 0.28 16.48
C VAL B 156 -21.72 1.43 15.62
N GLN B 157 -23.04 1.55 15.52
CA GLN B 157 -23.67 2.61 14.77
C GLN B 157 -24.22 3.64 15.75
N PRO B 158 -23.72 4.88 15.76
CA PRO B 158 -24.29 5.89 16.67
C PRO B 158 -25.76 6.09 16.39
N ASP B 159 -26.55 6.28 17.44
CA ASP B 159 -27.94 6.59 17.19
C ASP B 159 -28.40 7.62 18.21
N ALA B 160 -29.47 7.32 18.94
CA ALA B 160 -29.99 8.20 19.98
C ALA B 160 -29.48 7.84 21.36
N ASN B 161 -29.26 6.55 21.65
CA ASN B 161 -28.79 6.17 22.98
C ASN B 161 -27.29 6.04 23.06
N VAL B 162 -26.64 5.62 21.98
CA VAL B 162 -25.19 5.53 21.92
C VAL B 162 -24.69 6.59 20.95
N ILE B 163 -23.63 7.28 21.35
CA ILE B 163 -23.07 8.32 20.50
C ILE B 163 -21.56 8.28 20.57
N ARG B 164 -20.91 8.43 19.42
N ARG B 164 -20.92 8.40 19.41
CA ARG B 164 -19.46 8.51 19.32
CA ARG B 164 -19.47 8.54 19.32
C ARG B 164 -19.02 9.95 19.63
C ARG B 164 -19.10 9.97 19.70
N ALA B 165 -18.27 10.12 20.71
CA ALA B 165 -17.89 11.45 21.15
C ALA B 165 -16.56 11.82 20.53
N SER B 166 -16.35 13.12 20.39
CA SER B 166 -15.16 13.60 19.70
C SER B 166 -13.88 13.11 20.35
N ASP B 167 -13.90 12.82 21.66
CA ASP B 167 -12.68 12.32 22.32
C ASP B 167 -12.48 10.82 22.13
N GLY B 168 -13.19 10.22 21.18
CA GLY B 168 -13.02 8.82 20.88
C GLY B 168 -13.82 7.86 21.75
N SER B 169 -14.52 8.37 22.73
CA SER B 169 -15.24 7.50 23.63
C SER B 169 -16.62 7.18 23.09
N LEU B 170 -17.20 6.15 23.68
CA LEU B 170 -18.53 5.68 23.36
C LEU B 170 -19.41 6.02 24.54
N ILE B 171 -20.53 6.71 24.30
CA ILE B 171 -21.39 7.13 25.39
C ILE B 171 -22.78 6.57 25.17
N MET B 172 -23.27 5.88 26.18
CA MET B 172 -24.62 5.36 26.20
C MET B 172 -25.37 6.17 27.23
N SER B 173 -26.31 7.00 26.75
CA SER B 173 -27.05 7.92 27.61
C SER B 173 -27.77 7.18 28.73
N ALA B 174 -28.55 6.16 28.38
CA ALA B 174 -29.33 5.40 29.36
C ALA B 174 -29.12 3.92 29.04
N ALA B 175 -28.18 3.28 29.73
CA ALA B 175 -27.77 1.92 29.37
C ALA B 175 -28.96 0.97 29.30
N ARG B 176 -29.27 0.50 28.10
CA ARG B 176 -30.29 -0.52 27.86
C ARG B 176 -29.73 -1.93 28.09
N LEU B 177 -30.64 -2.87 28.32
CA LEU B 177 -30.24 -4.27 28.46
C LEU B 177 -29.52 -4.76 27.21
N SER B 178 -30.00 -4.33 26.03
CA SER B 178 -29.40 -4.71 24.77
C SER B 178 -27.99 -4.16 24.59
N ASP B 179 -27.56 -3.23 25.43
CA ASP B 179 -26.22 -2.68 25.26
C ASP B 179 -25.14 -3.55 25.85
N SER B 180 -25.50 -4.63 26.55
CA SER B 180 -24.48 -5.51 27.08
C SER B 180 -23.72 -6.14 25.93
N GLY B 181 -22.46 -6.48 26.18
CA GLY B 181 -21.65 -7.12 25.17
C GLY B 181 -20.18 -6.90 25.43
N ASN B 182 -19.37 -7.43 24.51
CA ASN B 182 -17.92 -7.29 24.57
C ASN B 182 -17.51 -6.21 23.57
N TYR B 183 -16.88 -5.17 24.08
CA TYR B 183 -16.59 -3.99 23.29
C TYR B 183 -15.09 -3.89 23.00
N THR B 184 -14.75 -3.41 21.80
CA THR B 184 -13.38 -3.27 21.38
C THR B 184 -13.19 -1.96 20.64
N CYS B 185 -12.08 -1.29 20.90
CA CYS B 185 -11.70 -0.06 20.21
C CYS B 185 -10.54 -0.40 19.31
N GLU B 186 -10.59 0.04 18.06
CA GLU B 186 -9.56 -0.20 17.07
C GLU B 186 -9.04 1.12 16.53
N ALA B 187 -7.73 1.24 16.44
CA ALA B 187 -7.09 2.43 15.88
C ALA B 187 -6.39 2.08 14.59
N THR B 188 -6.48 2.97 13.61
CA THR B 188 -5.90 2.71 12.30
C THR B 188 -5.22 3.95 11.75
N ASN B 189 -4.01 3.78 11.23
CA ASN B 189 -3.38 4.81 10.43
C ASN B 189 -2.59 4.10 9.35
N VAL B 190 -1.90 4.86 8.49
CA VAL B 190 -1.30 4.19 7.33
C VAL B 190 -0.23 3.18 7.72
N ALA B 191 0.21 3.19 8.98
CA ALA B 191 1.34 2.37 9.39
C ALA B 191 0.95 1.10 10.11
N ASN B 192 -0.18 1.09 10.81
CA ASN B 192 -0.58 -0.11 11.53
C ASN B 192 -2.03 0.00 11.96
N SER B 193 -2.54 -1.09 12.51
CA SER B 193 -3.92 -1.18 12.95
C SER B 193 -3.95 -2.01 14.21
N ARG B 194 -4.48 -1.46 15.29
CA ARG B 194 -4.44 -2.11 16.60
C ARG B 194 -5.80 -2.09 17.29
N LYS B 195 -6.11 -3.16 18.03
CA LYS B 195 -7.35 -3.26 18.78
C LYS B 195 -7.08 -3.47 20.26
N THR B 196 -7.83 -2.77 21.11
CA THR B 196 -7.83 -3.09 22.53
C THR B 196 -8.45 -4.46 22.75
N ASP B 197 -8.05 -5.09 23.85
CA ASP B 197 -8.62 -6.38 24.19
C ASP B 197 -10.08 -6.22 24.57
N PRO B 198 -10.94 -7.14 24.16
CA PRO B 198 -12.36 -7.01 24.46
C PRO B 198 -12.59 -6.91 25.96
N VAL B 199 -13.38 -5.91 26.37
CA VAL B 199 -13.91 -5.80 27.72
C VAL B 199 -15.39 -6.17 27.70
N GLU B 200 -15.89 -6.65 28.84
CA GLU B 200 -17.30 -6.97 28.93
C GLU B 200 -18.03 -5.87 29.65
N VAL B 201 -19.25 -5.59 29.19
CA VAL B 201 -20.14 -4.63 29.80
C VAL B 201 -21.43 -5.36 30.09
N GLN B 202 -21.78 -5.48 31.36
CA GLN B 202 -23.04 -6.11 31.75
C GLN B 202 -24.01 -5.06 32.23
N ILE B 203 -25.24 -5.10 31.71
CA ILE B 203 -26.28 -4.19 32.14
C ILE B 203 -27.40 -5.02 32.75
N TYR B 204 -27.75 -4.74 34.01
CA TYR B 204 -28.72 -5.58 34.73
C TYR B 204 -29.90 -4.75 35.21
N HIS B 205 -30.76 -5.40 36.01
CA HIS B 205 -31.85 -4.75 36.74
C HIS B 205 -31.67 -4.89 38.24
C1 NAG C . 29.72 4.47 -15.39
C2 NAG C . 29.94 6.00 -15.36
C3 NAG C . 31.44 6.31 -15.29
C4 NAG C . 32.05 5.62 -14.07
C5 NAG C . 31.78 4.11 -14.15
C6 NAG C . 32.26 3.36 -12.91
C7 NAG C . 29.47 6.42 -17.78
C8 NAG C . 28.68 7.26 -18.74
N2 NAG C . 29.30 6.69 -16.48
O3 NAG C . 31.64 7.72 -15.22
O4 NAG C . 33.45 5.87 -13.94
O5 NAG C . 30.36 3.87 -14.24
O6 NAG C . 31.22 3.22 -11.97
O7 NAG C . 30.25 5.54 -18.17
C1 NAG C . 33.83 6.54 -12.69
C2 NAG C . 35.26 6.15 -12.23
C3 NAG C . 35.65 6.95 -10.97
C4 NAG C . 35.47 8.44 -11.19
C5 NAG C . 34.04 8.73 -11.63
C6 NAG C . 33.81 10.19 -11.96
C7 NAG C . 36.03 3.88 -12.77
C8 NAG C . 36.03 2.44 -12.33
N2 NAG C . 35.36 4.72 -11.97
O3 NAG C . 37.01 6.66 -10.63
O4 NAG C . 35.80 9.17 -10.02
O5 NAG C . 33.74 7.99 -12.83
O6 NAG C . 33.26 10.36 -13.25
O7 NAG C . 36.59 4.24 -13.80
C1 FUC C . 31.68 3.51 -10.64
C2 FUC C . 30.72 4.59 -9.99
C3 FUC C . 29.36 3.97 -9.63
C4 FUC C . 29.53 2.64 -8.73
C5 FUC C . 30.58 1.64 -9.38
C6 FUC C . 30.97 0.43 -8.50
O2 FUC C . 30.56 5.81 -10.76
O3 FUC C . 28.52 4.94 -8.96
O4 FUC C . 29.88 2.94 -7.37
O5 FUC C . 31.81 2.31 -9.80
C1 NAG D . -18.46 -11.87 25.91
C2 NAG D . -19.72 -12.71 25.55
C3 NAG D . -19.86 -13.90 26.50
C4 NAG D . -18.59 -14.72 26.52
C5 NAG D . -17.41 -13.82 26.90
C6 NAG D . -16.09 -14.54 26.86
C7 NAG D . -21.58 -11.50 24.48
C8 NAG D . -22.82 -10.68 24.72
N2 NAG D . -20.93 -11.90 25.57
O3 NAG D . -20.97 -14.71 26.12
O4 NAG D . -18.69 -15.82 27.41
O5 NAG D . -17.31 -12.73 25.98
O6 NAG D . -15.49 -14.31 25.59
O7 NAG D . -21.19 -11.78 23.34
C1 NAG D . -18.75 -17.04 26.63
C2 NAG D . -18.29 -18.26 27.43
C3 NAG D . -18.40 -19.53 26.57
C4 NAG D . -19.82 -19.68 26.04
C5 NAG D . -20.24 -18.42 25.27
C6 NAG D . -21.68 -18.46 24.80
C7 NAG D . -16.62 -17.43 29.03
C8 NAG D . -15.16 -17.38 29.38
N2 NAG D . -16.93 -18.10 27.91
O3 NAG D . -18.03 -20.66 27.35
O4 NAG D . -19.89 -20.82 25.19
O5 NAG D . -20.10 -17.27 26.10
O6 NAG D . -21.83 -19.12 23.56
O7 NAG D . -17.48 -16.87 29.71
C1 FUC D . -14.71 -15.46 25.24
C2 FUC D . -15.10 -15.89 23.76
C3 FUC D . -14.56 -14.86 22.74
C4 FUC D . -13.01 -14.56 22.95
C5 FUC D . -12.70 -14.21 24.46
C6 FUC D . -11.19 -14.09 24.83
O2 FUC D . -16.52 -16.10 23.61
O3 FUC D . -14.80 -15.32 21.39
O4 FUC D . -12.18 -15.63 22.48
O5 FUC D . -13.29 -15.18 25.39
C1 SGN E . 16.28 1.12 -3.74
C1 SGN E . -5.17 -8.36 13.15
C2 SGN E . 16.01 -0.38 -3.65
C2 SGN E . -4.06 -7.49 13.77
C3 SGN E . 15.10 -0.69 -2.46
C3 SGN E . -2.80 -7.54 12.91
C4 SGN E . 15.65 -0.09 -1.18
C4 SGN E . -2.38 -8.96 12.59
C5 SGN E . 15.83 1.41 -1.38
C5 SGN E . -3.56 -9.70 11.96
C6 SGN E . 16.50 2.08 -0.20
C6 SGN E . -3.29 -11.16 11.82
N2 SGN E . 15.44 -0.96 -4.88
N2 SGN E . -4.53 -6.12 14.01
O1 SGN E . 15.12 1.80 -4.12
O1 SGN E . -5.63 -7.73 11.99
O3 SGN E . 14.87 -2.09 -2.35
O3 SGN E . -1.75 -6.81 13.54
O4 SGN E . 14.58 -0.32 -0.26
O4 SGN E . -1.37 -8.77 11.59
O5 SGN E . 16.70 1.68 -2.50
O5 SGN E . -4.73 -9.65 12.80
O6 SGN E . 17.85 1.60 -0.10
O6 SGN E . -3.44 -11.68 13.15
S1 SGN E . 16.54 -1.46 -5.94
S1 SGN E . -5.29 -5.80 15.40
O1S SGN E . 17.29 -2.49 -5.31
O1S SGN E . -4.33 -5.86 16.46
O2S SGN E . 15.80 -2.01 -7.03
O2S SGN E . -5.76 -4.47 15.24
O3S SGN E . 17.44 -0.38 -6.21
O3S SGN E . -6.28 -6.81 15.63
S2 SGN E . 18.63 1.98 1.22
S2 SGN E . -2.68 -13.02 13.46
O4S SGN E . 18.59 3.43 1.29
O4S SGN E . -3.21 -14.00 12.53
O5S SGN E . 17.86 1.33 2.25
O5S SGN E . -1.33 -12.60 13.19
O6S SGN E . 19.96 1.45 1.05
O6S SGN E . -2.94 -13.33 14.85
C1 IDS E . 14.95 -0.87 1.02
C1 IDS E . -0.07 -9.46 11.40
C2 IDS E . 13.69 -0.89 1.88
C2 IDS E . 0.68 -8.53 10.43
C3 IDS E . 12.91 -2.23 1.92
C3 IDS E . 1.43 -7.42 11.19
C4 IDS E . 13.77 -3.49 1.89
C4 IDS E . 2.38 -7.96 12.25
C5 IDS E . 14.98 -3.32 0.97
C5 IDS E . 1.71 -9.05 13.11
C6 IDS E . 16.00 -4.39 1.31
C6 IDS E . 2.73 -10.02 13.69
O2 IDS E . 14.04 -0.34 3.21
O2 IDS E . 1.55 -9.21 9.44
O3 IDS E . 11.93 -2.30 0.88
O3 IDS E . 0.51 -6.49 11.78
O4 IDS E . 14.17 -3.98 3.18
O4 IDS E . 3.65 -8.37 11.71
O5 IDS E . 15.69 -2.08 1.15
O5 IDS E . 0.83 -9.94 12.41
O6A IDS E . 15.81 -5.13 2.23
O6A IDS E . 3.59 -9.62 14.43
O6B IDS E . 17.02 -4.47 0.65
O6B IDS E . 2.66 -11.20 13.38
S IDS E . 13.48 1.10 3.66
S IDS E . 1.02 -10.50 8.62
O1S IDS E . 12.32 0.80 4.45
O1S IDS E . 1.95 -10.63 7.52
O2S IDS E . 14.55 1.63 4.48
O2S IDS E . 1.06 -11.62 9.53
O3S IDS E . 13.17 1.93 2.52
O3S IDS E . -0.33 -10.18 8.16
C1 SGN E . 13.35 -4.91 3.98
C1 SGN E . 4.87 -7.52 11.65
C2 SGN E . 14.24 -6.02 4.54
C2 SGN E . 5.94 -7.68 12.75
C3 SGN E . 14.22 -7.25 3.62
C3 SGN E . 5.91 -6.54 13.77
C4 SGN E . 12.79 -7.67 3.33
C4 SGN E . 6.00 -5.18 13.07
C5 SGN E . 11.98 -6.51 2.74
C5 SGN E . 4.90 -5.08 12.01
C6 SGN E . 10.50 -6.86 2.71
C6 SGN E . 5.11 -3.87 11.11
N2 SGN E . 15.57 -5.59 5.02
N2 SGN E . 6.19 -9.02 13.32
O3 SGN E . 14.96 -8.30 4.21
O3 SGN E . 6.99 -6.75 14.67
O4 SGN E . 12.81 -8.76 2.39
O4 SGN E . 5.81 -4.09 14.00
O5 SGN E . 12.05 -5.35 3.61
O5 SGN E . 4.92 -6.21 11.10
O6 SGN E . 10.07 -7.33 4.02
O6 SGN E . 6.50 -3.58 10.66
S1 SGN E . 15.81 -4.71 6.36
S1 SGN E . 7.12 -10.10 12.55
O1S SGN E . 15.12 -3.47 6.26
O1S SGN E . 6.50 -10.46 11.31
O2S SGN E . 15.20 -5.41 7.45
O2S SGN E . 8.36 -9.44 12.26
O3S SGN E . 17.19 -4.66 6.67
O3S SGN E . 7.43 -11.15 13.46
S2 SGN E . 8.50 -7.59 4.25
S2 SGN E . 7.26 -4.60 9.67
O4S SGN E . 7.89 -6.29 4.14
O4S SGN E . 7.66 -5.76 10.46
O5S SGN E . 8.46 -8.16 5.58
O5S SGN E . 8.38 -3.82 9.20
O6S SGN E . 8.07 -8.50 3.20
O6S SGN E . 6.29 -4.91 8.65
S UAP E . 10.24 -10.12 0.25
S UAP E . 8.65 -1.02 14.00
C1 UAP E . 12.78 -10.09 2.95
C1 UAP E . 6.76 -3.96 15.12
C2 UAP E . 11.85 -11.10 2.26
C2 UAP E . 7.09 -2.54 15.62
O2 UAP E . 10.47 -10.76 1.76
O2 UAP E . 8.42 -2.17 15.15
C3 UAP E . 11.88 -12.41 3.04
C3 UAP E . 7.09 -2.36 17.15
O3 UAP E . 11.09 -13.34 2.30
O3 UAP E . 5.96 -1.58 17.55
C4 UAP E . 13.29 -12.89 3.13
C4 UAP E . 7.14 -3.64 17.92
C5 UAP E . 14.28 -12.03 2.90
C5 UAP E . 6.79 -4.81 17.39
O5 UAP E . 14.11 -10.63 2.83
O5 UAP E . 6.45 -5.00 16.07
C6 UAP E . 15.68 -12.55 2.81
C6 UAP E . 6.71 -6.10 18.15
O1S UAP E . 10.41 -11.07 -0.83
O1S UAP E . 7.77 0.11 14.26
O2S UAP E . 11.19 -9.04 0.17
O2S UAP E . 10.05 -0.73 14.10
O3S UAP E . 8.87 -9.63 0.31
O3S UAP E . 8.32 -1.69 12.76
O6B UAP E . 16.57 -11.72 2.63
O6B UAP E . 7.15 -6.10 19.29
O6A UAP E . 15.85 -13.75 2.96
O6A UAP E . 6.28 -7.06 17.54
#